data_3EWW
#
_entry.id   3EWW
#
_cell.length_a   69.527
_cell.length_b   61.479
_cell.length_c   70.491
_cell.angle_alpha   90.00
_cell.angle_beta   113.13
_cell.angle_gamma   90.00
#
_symmetry.space_group_name_H-M   'P 1 21 1'
#
loop_
_entity.id
_entity.type
_entity.pdbx_description
1 polymer "Orotidine-5'-phosphate decarboxylase"
2 non-polymer GLYCEROL
3 non-polymer "6-[(E)-iminomethyl]uridine 5'-phosphate"
4 water water
#
_entity_poly.entity_id   1
_entity_poly.type   'polypeptide(L)'
_entity_poly.pdbx_seq_one_letter_code
;GAMELSFGARAELPRIHPVASKLLRLMQKKETNLCLSADVSLARELLQLADALGPSICMLKTHVDILNDFTLDVMKELIT
LAKCHEFLIFENRKFADIGNTVKKQYEGGIFKIASWADLVNAHVVPGSGVVKGLQEVGLPLHRGCLLIAEMSSTGSLATG
DYTRAAVRMAEEHSEFVVGFISGSRVSMKPEFLHLTPGVQLEAGGDNLGQQYNSPQEVIGKRGSDIIIVGRGIISAADRL
EAAEMYRKAAWEAYLSRLGV
;
_entity_poly.pdbx_strand_id   A,B
#
loop_
_chem_comp.id
_chem_comp.type
_chem_comp.name
_chem_comp.formula
GOL non-polymer GLYCEROL 'C3 H8 O3'
U1P non-polymer '6-[(E)-iminomethyl]uridine 5'-phosphate' 'C10 H14 N3 O9 P'
#
# COMPACT_ATOMS: atom_id res chain seq x y z
N MET A 3 28.82 -17.04 13.75
CA MET A 3 29.87 -16.01 13.53
C MET A 3 29.47 -15.13 12.38
N GLU A 4 29.42 -13.84 12.72
CA GLU A 4 29.05 -12.76 11.77
C GLU A 4 30.01 -12.72 10.61
N LEU A 5 29.42 -12.65 9.42
CA LEU A 5 30.09 -12.55 8.15
C LEU A 5 30.03 -11.13 7.66
N SER A 6 31.10 -10.73 7.03
CA SER A 6 31.16 -9.42 6.34
C SER A 6 30.13 -9.35 5.21
N PHE A 7 29.79 -8.14 4.84
CA PHE A 7 28.92 -7.94 3.66
C PHE A 7 29.53 -8.63 2.42
N GLY A 8 30.83 -8.52 2.24
CA GLY A 8 31.53 -9.12 1.07
C GLY A 8 31.40 -10.62 1.04
N ALA A 9 31.51 -11.23 2.21
CA ALA A 9 31.34 -12.68 2.32
C ALA A 9 29.88 -13.08 2.10
N ARG A 10 28.96 -12.33 2.71
CA ARG A 10 27.56 -12.61 2.49
C ARG A 10 27.17 -12.57 1.02
N ALA A 11 27.80 -11.67 0.27
CA ALA A 11 27.56 -11.50 -1.16
C ALA A 11 27.86 -12.78 -1.91
N GLU A 12 28.65 -13.68 -1.29
CA GLU A 12 29.12 -14.90 -1.97
C GLU A 12 28.43 -16.13 -1.50
N LEU A 13 27.49 -15.99 -0.59
CA LEU A 13 26.82 -17.14 -0.03
C LEU A 13 26.08 -17.94 -1.12
N PRO A 14 26.09 -19.29 -1.03
CA PRO A 14 25.48 -20.08 -2.10
C PRO A 14 24.04 -19.74 -2.42
N ARG A 15 23.30 -19.41 -1.39
CA ARG A 15 21.83 -19.18 -1.50
C ARG A 15 21.49 -17.68 -1.68
N ILE A 16 22.48 -16.85 -1.85
CA ILE A 16 22.25 -15.38 -2.00
C ILE A 16 21.49 -15.11 -3.29
N HIS A 17 20.56 -14.16 -3.23
CA HIS A 17 19.88 -13.67 -4.41
C HIS A 17 20.78 -12.72 -5.18
N PRO A 18 20.80 -12.75 -6.51
CA PRO A 18 21.68 -11.84 -7.26
C PRO A 18 21.58 -10.36 -6.91
N VAL A 19 20.36 -9.90 -6.64
CA VAL A 19 20.21 -8.48 -6.29
C VAL A 19 20.87 -8.17 -4.95
N ALA A 20 20.65 -9.07 -4.00
CA ALA A 20 21.31 -8.93 -2.70
C ALA A 20 22.83 -8.99 -2.87
N SER A 21 23.35 -9.90 -3.71
CA SER A 21 24.79 -9.99 -3.89
C SER A 21 25.35 -8.68 -4.46
N LYS A 22 24.72 -8.13 -5.49
CA LYS A 22 25.13 -6.88 -6.10
C LYS A 22 25.19 -5.76 -5.06
N LEU A 23 24.15 -5.70 -4.23
CA LEU A 23 24.09 -4.66 -3.21
C LEU A 23 25.22 -4.83 -2.20
N LEU A 24 25.34 -6.05 -1.66
CA LEU A 24 26.39 -6.33 -0.68
C LEU A 24 27.77 -6.03 -1.15
N ARG A 25 28.04 -6.34 -2.40
CA ARG A 25 29.36 -6.04 -2.98
C ARG A 25 29.62 -4.56 -3.01
N LEU A 26 28.64 -3.76 -3.42
CA LEU A 26 28.87 -2.33 -3.52
C LEU A 26 28.90 -1.64 -2.17
N MET A 27 28.22 -2.22 -1.21
CA MET A 27 28.25 -1.75 0.20
CA MET A 27 28.27 -1.72 0.17
C MET A 27 29.70 -1.84 0.66
N GLN A 28 30.27 -3.02 0.48
CA GLN A 28 31.65 -3.25 0.94
C GLN A 28 32.63 -2.37 0.15
N LYS A 29 32.45 -2.25 -1.15
CA LYS A 29 33.36 -1.47 -1.99
C LYS A 29 33.40 -0.01 -1.55
N LYS A 30 32.22 0.53 -1.31
CA LYS A 30 32.06 1.97 -1.06
C LYS A 30 32.05 2.32 0.40
N GLU A 31 32.08 1.30 1.24
CA GLU A 31 31.94 1.49 2.71
C GLU A 31 30.70 2.27 3.09
N THR A 32 29.57 1.80 2.56
CA THR A 32 28.30 2.43 2.89
C THR A 32 27.18 1.42 3.01
N ASN A 33 26.45 1.56 4.11
CA ASN A 33 25.23 0.81 4.39
C ASN A 33 24.11 1.81 4.68
N LEU A 34 24.13 2.89 3.93
CA LEU A 34 23.08 3.93 3.98
C LEU A 34 22.22 3.92 2.74
N CYS A 35 20.92 3.89 2.96
CA CYS A 35 19.91 4.10 1.93
C CYS A 35 19.29 5.48 2.15
N LEU A 36 19.37 6.32 1.15
CA LEU A 36 18.75 7.67 1.21
C LEU A 36 17.30 7.54 0.75
N SER A 37 16.35 8.02 1.53
CA SER A 37 14.93 8.07 1.13
C SER A 37 14.69 9.51 0.66
N ALA A 38 14.33 9.70 -0.60
CA ALA A 38 14.10 11.00 -1.19
C ALA A 38 12.68 11.24 -1.69
N ASP A 39 11.80 11.71 -0.82
N ASP A 39 11.83 11.61 -0.76
CA ASP A 39 10.35 11.90 -1.18
CA ASP A 39 10.44 11.96 -1.08
C ASP A 39 9.99 13.28 -1.69
C ASP A 39 10.38 13.43 -1.41
N VAL A 40 10.77 13.69 -2.65
CA VAL A 40 10.77 15.03 -3.22
C VAL A 40 9.69 15.15 -4.28
N SER A 41 9.27 16.38 -4.55
CA SER A 41 8.16 16.54 -5.45
C SER A 41 8.57 16.75 -6.90
N LEU A 42 9.83 17.07 -7.15
CA LEU A 42 10.32 17.37 -8.51
C LEU A 42 11.39 16.39 -8.93
N ALA A 43 11.29 15.97 -10.19
CA ALA A 43 12.28 15.07 -10.78
C ALA A 43 13.67 15.67 -10.74
N ARG A 44 13.75 16.97 -10.94
CA ARG A 44 15.04 17.64 -10.99
C ARG A 44 15.73 17.53 -9.63
N GLU A 45 14.92 17.58 -8.58
CA GLU A 45 15.39 17.46 -7.20
C GLU A 45 15.93 16.07 -6.94
N LEU A 46 15.15 15.11 -7.39
CA LEU A 46 15.52 13.71 -7.26
C LEU A 46 16.87 13.44 -7.93
N LEU A 47 16.99 13.87 -9.18
CA LEU A 47 18.22 13.64 -9.95
C LEU A 47 19.41 14.38 -9.35
N GLN A 48 19.17 15.58 -8.83
CA GLN A 48 20.26 16.37 -8.26
C GLN A 48 20.80 15.70 -7.01
N LEU A 49 19.88 15.22 -6.18
CA LEU A 49 20.23 14.57 -4.90
C LEU A 49 20.94 13.24 -5.17
N ALA A 50 20.45 12.54 -6.16
CA ALA A 50 21.00 11.23 -6.54
C ALA A 50 22.45 11.41 -7.01
N ASP A 51 22.70 12.46 -7.78
CA ASP A 51 24.04 12.70 -8.30
C ASP A 51 24.96 13.16 -7.16
N ALA A 52 24.47 14.07 -6.35
CA ALA A 52 25.32 14.67 -5.30
C ALA A 52 25.63 13.66 -4.17
N LEU A 53 24.67 12.82 -3.83
CA LEU A 53 24.82 11.94 -2.67
CA LEU A 53 24.79 11.93 -2.67
C LEU A 53 25.11 10.50 -3.05
N GLY A 54 25.04 10.22 -4.35
CA GLY A 54 25.28 8.87 -4.87
C GLY A 54 26.55 8.21 -4.34
N PRO A 55 27.66 8.94 -4.26
CA PRO A 55 28.88 8.31 -3.72
C PRO A 55 28.79 7.80 -2.28
N SER A 56 27.87 8.35 -1.50
CA SER A 56 27.75 8.08 -0.06
C SER A 56 26.74 7.00 0.29
N ILE A 57 25.98 6.55 -0.72
CA ILE A 57 24.84 5.66 -0.47
C ILE A 57 25.00 4.33 -1.19
N CYS A 58 24.38 3.30 -0.61
CA CYS A 58 24.27 1.99 -1.30
C CYS A 58 22.96 1.85 -2.07
N MET A 59 22.03 2.73 -1.78
CA MET A 59 20.66 2.59 -2.27
CA MET A 59 20.68 2.60 -2.32
C MET A 59 19.96 3.94 -2.20
N LEU A 60 19.07 4.17 -3.14
CA LEU A 60 18.19 5.34 -3.19
CA LEU A 60 18.20 5.33 -3.17
C LEU A 60 16.78 4.85 -3.20
N LYS A 61 16.02 5.26 -2.18
CA LYS A 61 14.62 4.95 -2.10
C LYS A 61 13.80 6.09 -2.69
N THR A 62 13.19 5.79 -3.83
CA THR A 62 12.34 6.71 -4.57
C THR A 62 10.92 6.65 -4.03
N HIS A 63 10.19 7.73 -4.31
CA HIS A 63 8.77 7.85 -4.00
C HIS A 63 8.03 8.32 -5.24
N VAL A 64 7.85 7.42 -6.18
CA VAL A 64 7.26 7.76 -7.49
CA VAL A 64 7.32 7.92 -7.47
C VAL A 64 5.86 8.39 -7.35
N ASP A 65 5.15 7.97 -6.32
CA ASP A 65 3.79 8.44 -6.12
C ASP A 65 3.73 9.90 -5.70
N ILE A 66 4.87 10.48 -5.37
CA ILE A 66 4.97 11.87 -4.87
C ILE A 66 5.58 12.81 -5.92
N LEU A 67 6.18 12.25 -6.96
CA LEU A 67 6.83 13.03 -8.01
C LEU A 67 5.80 13.73 -8.90
N ASN A 68 5.78 15.04 -8.90
CA ASN A 68 4.77 15.78 -9.66
C ASN A 68 4.95 15.68 -11.14
N ASP A 69 6.17 15.36 -11.55
CA ASP A 69 6.59 15.42 -12.97
C ASP A 69 7.31 14.15 -13.40
N PHE A 70 6.93 13.05 -12.80
CA PHE A 70 7.39 11.73 -13.26
C PHE A 70 7.22 11.54 -14.77
N THR A 71 8.29 11.01 -15.38
CA THR A 71 8.20 10.34 -16.69
C THR A 71 9.14 9.16 -16.69
N LEU A 72 8.94 8.25 -17.63
CA LEU A 72 9.87 7.12 -17.78
C LEU A 72 11.28 7.60 -18.17
N ASP A 73 11.39 8.76 -18.83
CA ASP A 73 12.70 9.29 -19.19
CA ASP A 73 12.69 9.34 -19.19
C ASP A 73 13.47 9.70 -17.92
N VAL A 74 12.78 10.23 -16.93
CA VAL A 74 13.41 10.52 -15.63
C VAL A 74 14.00 9.26 -15.02
N MET A 75 13.30 8.15 -15.15
CA MET A 75 13.77 6.89 -14.54
CA MET A 75 13.77 6.86 -14.57
C MET A 75 14.96 6.37 -15.35
N LYS A 76 14.94 6.53 -16.67
CA LYS A 76 16.11 6.17 -17.47
C LYS A 76 17.37 6.89 -17.02
N GLU A 77 17.23 8.19 -16.76
CA GLU A 77 18.34 8.99 -16.30
CA GLU A 77 18.33 9.02 -16.28
C GLU A 77 18.76 8.62 -14.88
N LEU A 78 17.81 8.32 -14.04
CA LEU A 78 18.11 7.87 -12.67
C LEU A 78 18.92 6.57 -12.67
N ILE A 79 18.56 5.66 -13.55
CA ILE A 79 19.27 4.40 -13.70
C ILE A 79 20.71 4.65 -14.15
N THR A 80 20.89 5.60 -15.03
CA THR A 80 22.23 6.00 -15.50
C THR A 80 23.07 6.48 -14.28
N LEU A 81 22.47 7.33 -13.47
CA LEU A 81 23.16 7.81 -12.23
C LEU A 81 23.47 6.66 -11.29
N ALA A 82 22.53 5.75 -11.13
CA ALA A 82 22.69 4.60 -10.26
C ALA A 82 23.85 3.72 -10.72
N LYS A 83 23.93 3.55 -12.03
CA LYS A 83 25.02 2.74 -12.57
C LYS A 83 26.38 3.42 -12.40
N CYS A 84 26.39 4.71 -12.62
CA CYS A 84 27.63 5.51 -12.52
C CYS A 84 28.15 5.50 -11.07
N HIS A 85 27.28 5.86 -10.12
CA HIS A 85 27.71 6.01 -8.72
C HIS A 85 27.70 4.68 -7.95
N GLU A 86 27.06 3.68 -8.54
CA GLU A 86 26.88 2.35 -7.96
C GLU A 86 26.00 2.38 -6.72
N PHE A 87 24.71 2.51 -6.96
CA PHE A 87 23.71 2.27 -5.93
C PHE A 87 22.47 1.60 -6.55
N LEU A 88 21.71 0.88 -5.74
CA LEU A 88 20.46 0.32 -6.22
CA LEU A 88 20.42 0.30 -6.18
C LEU A 88 19.30 1.31 -6.07
N ILE A 89 18.25 1.08 -6.86
CA ILE A 89 16.99 1.81 -6.74
C ILE A 89 15.93 0.99 -6.09
N PHE A 90 15.35 1.53 -5.02
CA PHE A 90 14.32 0.88 -4.18
C PHE A 90 13.09 1.76 -4.19
N GLU A 91 11.99 1.31 -4.75
CA GLU A 91 10.80 2.16 -4.72
C GLU A 91 10.08 1.94 -3.43
N ASN A 92 9.64 3.04 -2.84
CA ASN A 92 9.02 2.98 -1.52
C ASN A 92 7.62 2.34 -1.41
N ARG A 93 6.82 2.47 -2.45
CA ARG A 93 5.41 2.10 -2.36
C ARG A 93 5.23 0.80 -1.62
N LYS A 94 4.49 0.82 -0.55
CA LYS A 94 4.33 -0.34 0.34
C LYS A 94 3.17 -1.15 -0.21
N PHE A 95 3.47 -2.04 -1.14
CA PHE A 95 2.47 -2.88 -1.79
C PHE A 95 1.73 -3.69 -0.73
N ALA A 96 0.40 -3.78 -0.84
CA ALA A 96 -0.41 -4.30 0.25
C ALA A 96 -1.81 -4.69 -0.21
N ASP A 97 -1.87 -5.53 -1.21
CA ASP A 97 -3.13 -5.91 -1.83
C ASP A 97 -3.08 -7.42 -2.16
N ILE A 98 -4.20 -7.90 -2.63
CA ILE A 98 -4.28 -9.29 -3.09
C ILE A 98 -3.33 -9.46 -4.27
N GLY A 99 -2.88 -10.70 -4.45
CA GLY A 99 -1.90 -10.97 -5.49
C GLY A 99 -2.28 -10.49 -6.86
N ASN A 100 -3.54 -10.69 -7.25
CA ASN A 100 -3.95 -10.31 -8.61
C ASN A 100 -3.79 -8.83 -8.89
N THR A 101 -4.06 -8.04 -7.87
CA THR A 101 -4.03 -6.57 -7.99
C THR A 101 -2.58 -6.05 -7.90
N VAL A 102 -1.84 -6.57 -6.93
CA VAL A 102 -0.46 -6.05 -6.72
CA VAL A 102 -0.50 -6.12 -6.69
C VAL A 102 0.38 -6.33 -7.95
N LYS A 103 0.11 -7.43 -8.64
CA LYS A 103 0.85 -7.80 -9.87
CA LYS A 103 0.95 -7.73 -9.80
C LYS A 103 0.76 -6.65 -10.87
N LYS A 104 -0.47 -6.16 -11.02
CA LYS A 104 -0.77 -5.08 -11.97
C LYS A 104 -0.15 -3.74 -11.54
N GLN A 105 -0.24 -3.49 -10.24
CA GLN A 105 0.31 -2.25 -9.65
C GLN A 105 1.84 -2.18 -9.78
N TYR A 106 2.45 -3.34 -9.83
CA TYR A 106 3.93 -3.44 -9.89
C TYR A 106 4.39 -3.31 -11.34
N GLU A 107 3.69 -3.98 -12.26
CA GLU A 107 4.14 -3.98 -13.63
C GLU A 107 3.65 -2.79 -14.45
N GLY A 108 2.46 -2.28 -14.13
CA GLY A 108 1.73 -1.41 -15.09
C GLY A 108 1.55 0.01 -14.66
N GLY A 109 0.44 0.55 -15.14
CA GLY A 109 0.16 1.95 -14.99
C GLY A 109 1.16 2.84 -15.69
N ILE A 110 1.15 4.11 -15.32
CA ILE A 110 2.06 5.06 -15.86
C ILE A 110 3.47 4.82 -15.31
N PHE A 111 3.58 4.29 -14.10
CA PHE A 111 4.90 4.23 -13.46
C PHE A 111 5.75 3.04 -13.87
N LYS A 112 5.11 1.91 -14.13
CA LYS A 112 5.86 0.67 -14.53
C LYS A 112 7.03 0.39 -13.59
N ILE A 113 6.71 0.29 -12.30
CA ILE A 113 7.71 0.22 -11.23
C ILE A 113 8.72 -0.89 -11.49
N ALA A 114 8.24 -2.04 -11.92
CA ALA A 114 9.13 -3.22 -12.14
C ALA A 114 10.16 -2.99 -13.23
N SER A 115 9.91 -2.02 -14.09
CA SER A 115 10.77 -1.70 -15.20
C SER A 115 12.00 -0.90 -14.84
N TRP A 116 12.05 -0.41 -13.61
CA TRP A 116 13.24 0.39 -13.15
C TRP A 116 13.67 0.19 -11.70
N ALA A 117 12.84 -0.37 -10.83
CA ALA A 117 13.17 -0.56 -9.42
C ALA A 117 13.86 -1.91 -9.22
N ASP A 118 15.09 -1.87 -8.73
CA ASP A 118 15.77 -3.11 -8.37
C ASP A 118 15.03 -3.84 -7.25
N LEU A 119 14.54 -3.05 -6.29
CA LEU A 119 13.87 -3.55 -5.10
C LEU A 119 12.53 -2.85 -4.90
N VAL A 120 11.62 -3.63 -4.39
CA VAL A 120 10.35 -3.16 -3.88
C VAL A 120 10.13 -3.72 -2.50
N ASN A 121 9.14 -3.17 -1.74
CA ASN A 121 8.76 -3.72 -0.45
C ASN A 121 7.28 -3.97 -0.43
N ALA A 122 6.90 -4.97 0.35
CA ALA A 122 5.49 -5.39 0.43
C ALA A 122 5.14 -5.72 1.87
N HIS A 123 3.89 -5.37 2.22
CA HIS A 123 3.29 -5.80 3.47
C HIS A 123 2.83 -7.21 3.36
N VAL A 124 2.85 -7.91 4.47
CA VAL A 124 2.47 -9.31 4.55
C VAL A 124 1.03 -9.56 5.00
N VAL A 125 0.35 -8.51 5.43
CA VAL A 125 -1.02 -8.62 5.86
C VAL A 125 -1.98 -9.40 4.90
N PRO A 126 -1.80 -9.34 3.57
CA PRO A 126 -2.77 -10.09 2.70
C PRO A 126 -2.55 -11.58 2.69
N GLY A 127 -1.46 -12.03 3.27
CA GLY A 127 -1.06 -13.43 3.11
C GLY A 127 -0.12 -13.53 1.93
N SER A 128 0.36 -14.76 1.71
CA SER A 128 1.46 -14.97 0.78
C SER A 128 1.15 -14.69 -0.70
N GLY A 129 -0.12 -14.59 -1.00
CA GLY A 129 -0.50 -14.22 -2.34
C GLY A 129 0.09 -12.90 -2.81
N VAL A 130 0.32 -11.99 -1.87
CA VAL A 130 0.95 -10.71 -2.23
C VAL A 130 2.35 -10.93 -2.87
N VAL A 131 3.07 -11.88 -2.28
CA VAL A 131 4.40 -12.20 -2.79
C VAL A 131 4.30 -12.97 -4.07
N LYS A 132 3.34 -13.88 -4.14
CA LYS A 132 3.22 -14.69 -5.34
CA LYS A 132 3.17 -14.70 -5.36
C LYS A 132 2.86 -13.81 -6.54
N GLY A 133 2.00 -12.82 -6.33
CA GLY A 133 1.63 -11.90 -7.39
C GLY A 133 2.79 -11.05 -7.85
N LEU A 134 3.50 -10.46 -6.87
CA LEU A 134 4.65 -9.63 -7.21
C LEU A 134 5.72 -10.43 -7.96
N GLN A 135 5.98 -11.64 -7.50
CA GLN A 135 7.08 -12.41 -8.06
C GLN A 135 6.79 -12.81 -9.49
N GLU A 136 5.53 -12.90 -9.89
CA GLU A 136 5.19 -13.25 -11.26
C GLU A 136 5.68 -12.20 -12.23
N VAL A 137 5.83 -10.96 -11.74
CA VAL A 137 6.38 -9.83 -12.52
C VAL A 137 7.88 -9.68 -12.25
N GLY A 138 8.25 -9.84 -10.98
CA GLY A 138 9.62 -9.54 -10.54
C GLY A 138 10.64 -10.56 -10.97
N LEU A 139 10.25 -11.82 -11.01
CA LEU A 139 11.22 -12.88 -11.37
C LEU A 139 11.70 -12.73 -12.83
N PRO A 140 10.78 -12.53 -13.78
CA PRO A 140 11.27 -12.35 -15.17
C PRO A 140 12.17 -11.13 -15.31
N LEU A 141 11.91 -10.11 -14.49
CA LEU A 141 12.64 -8.86 -14.59
C LEU A 141 13.86 -8.82 -13.65
N HIS A 142 14.17 -9.95 -13.04
CA HIS A 142 15.42 -10.09 -12.29
C HIS A 142 15.45 -9.20 -11.04
N ARG A 143 14.29 -9.03 -10.42
CA ARG A 143 14.13 -8.10 -9.27
C ARG A 143 14.11 -8.83 -7.95
N GLY A 144 14.17 -8.05 -6.87
CA GLY A 144 14.02 -8.53 -5.54
C GLY A 144 12.99 -7.73 -4.76
N CYS A 145 12.58 -8.33 -3.66
CA CYS A 145 11.52 -7.80 -2.77
CA CYS A 145 11.63 -7.65 -2.78
C CYS A 145 11.97 -7.85 -1.32
N LEU A 146 11.54 -6.87 -0.56
CA LEU A 146 11.68 -6.90 0.93
C LEU A 146 10.31 -7.01 1.56
N LEU A 147 10.14 -7.81 2.61
CA LEU A 147 8.89 -7.91 3.32
C LEU A 147 8.93 -7.05 4.59
N ILE A 148 7.84 -6.36 4.82
CA ILE A 148 7.75 -5.44 5.97
C ILE A 148 7.33 -6.26 7.21
N ALA A 149 8.36 -6.60 7.97
CA ALA A 149 8.21 -7.42 9.13
C ALA A 149 7.88 -6.66 10.42
N GLU A 150 8.38 -5.40 10.44
CA GLU A 150 8.15 -4.46 11.57
C GLU A 150 8.06 -3.09 11.00
N MET A 151 7.38 -2.20 11.71
CA MET A 151 7.32 -0.77 11.28
C MET A 151 7.82 0.13 12.41
N SER A 152 8.23 1.31 12.01
CA SER A 152 8.86 2.25 12.95
C SER A 152 7.91 3.16 13.70
N SER A 153 6.65 3.18 13.25
CA SER A 153 5.67 4.17 13.72
C SER A 153 4.92 3.70 14.96
N THR A 154 4.41 4.71 15.66
CA THR A 154 3.69 4.51 16.90
C THR A 154 2.42 3.76 16.64
N GLY A 155 2.21 2.70 17.39
CA GLY A 155 1.03 1.87 17.28
C GLY A 155 1.11 0.79 16.20
N SER A 156 2.30 0.64 15.58
CA SER A 156 2.50 -0.48 14.66
C SER A 156 1.94 -1.81 15.16
N LEU A 157 1.22 -2.50 14.29
CA LEU A 157 0.68 -3.84 14.54
C LEU A 157 1.59 -4.94 13.98
N ALA A 158 2.72 -4.55 13.44
CA ALA A 158 3.67 -5.52 12.83
C ALA A 158 4.61 -6.01 13.93
N THR A 159 4.03 -6.79 14.82
CA THR A 159 4.69 -7.33 16.01
C THR A 159 4.37 -8.81 16.21
N GLY A 160 5.15 -9.46 17.07
CA GLY A 160 4.82 -10.81 17.54
C GLY A 160 4.61 -11.79 16.38
N ASP A 161 3.46 -12.43 16.38
CA ASP A 161 3.14 -13.46 15.39
C ASP A 161 3.12 -12.88 13.97
N TYR A 162 2.81 -11.58 13.85
CA TYR A 162 2.79 -10.91 12.52
C TYR A 162 4.21 -10.91 11.93
N THR A 163 5.20 -10.50 12.73
CA THR A 163 6.60 -10.46 12.33
C THR A 163 7.06 -11.88 11.99
N ARG A 164 6.66 -12.84 12.81
CA ARG A 164 7.07 -14.22 12.55
C ARG A 164 6.50 -14.73 11.24
N ALA A 165 5.27 -14.31 10.94
CA ALA A 165 4.67 -14.67 9.64
C ALA A 165 5.44 -14.12 8.47
N ALA A 166 5.90 -12.88 8.61
CA ALA A 166 6.71 -12.25 7.57
C ALA A 166 7.98 -13.02 7.32
N VAL A 167 8.60 -13.49 8.40
CA VAL A 167 9.86 -14.22 8.26
C VAL A 167 9.62 -15.55 7.54
N ARG A 168 8.57 -16.23 7.91
CA ARG A 168 8.21 -17.51 7.25
CA ARG A 168 8.21 -17.50 7.26
C ARG A 168 7.93 -17.29 5.77
N MET A 169 7.21 -16.22 5.47
CA MET A 169 6.86 -15.93 4.07
CA MET A 169 6.87 -15.93 4.06
C MET A 169 8.12 -15.67 3.26
N ALA A 170 9.04 -14.94 3.87
CA ALA A 170 10.29 -14.66 3.18
C ALA A 170 11.08 -15.92 2.85
N GLU A 171 11.12 -16.80 3.83
CA GLU A 171 11.89 -18.06 3.76
CA GLU A 171 11.99 -17.96 3.72
C GLU A 171 11.39 -18.93 2.68
N GLU A 172 10.09 -18.86 2.49
CA GLU A 172 9.35 -19.70 1.56
C GLU A 172 9.31 -19.15 0.14
N HIS A 173 9.81 -17.92 0.00
CA HIS A 173 9.85 -17.21 -1.30
C HIS A 173 11.22 -16.59 -1.58
N SER A 174 12.26 -17.32 -1.22
CA SER A 174 13.64 -16.81 -1.32
C SER A 174 14.17 -16.60 -2.73
N GLU A 175 13.44 -17.11 -3.72
CA GLU A 175 13.80 -16.82 -5.09
C GLU A 175 13.61 -15.34 -5.44
N PHE A 176 12.72 -14.71 -4.71
CA PHE A 176 12.34 -13.31 -4.93
C PHE A 176 12.57 -12.39 -3.72
N VAL A 177 12.26 -12.90 -2.54
CA VAL A 177 12.39 -12.08 -1.32
C VAL A 177 13.84 -12.14 -0.87
N VAL A 178 14.43 -10.98 -0.71
CA VAL A 178 15.86 -10.82 -0.36
C VAL A 178 16.08 -10.28 1.04
N GLY A 179 15.00 -9.98 1.72
CA GLY A 179 15.14 -9.48 3.09
C GLY A 179 13.90 -8.79 3.59
N PHE A 180 14.14 -7.91 4.56
CA PHE A 180 13.08 -7.26 5.37
C PHE A 180 13.27 -5.77 5.50
N ILE A 181 12.13 -5.14 5.66
CA ILE A 181 12.08 -3.83 6.32
C ILE A 181 11.71 -4.21 7.75
N SER A 182 12.55 -3.78 8.69
CA SER A 182 12.37 -4.18 10.10
C SER A 182 13.13 -3.21 10.95
N GLY A 183 12.92 -3.29 12.23
CA GLY A 183 13.62 -2.44 13.20
C GLY A 183 14.86 -3.09 13.82
N SER A 184 14.97 -4.37 13.56
CA SER A 184 16.01 -5.22 14.11
CA SER A 184 16.00 -5.23 14.12
C SER A 184 16.22 -6.42 13.20
N ARG A 185 17.25 -7.19 13.48
CA ARG A 185 17.43 -8.50 12.85
C ARG A 185 16.23 -9.35 13.23
N VAL A 186 15.55 -9.92 12.23
CA VAL A 186 14.40 -10.82 12.49
C VAL A 186 14.61 -12.25 12.00
N SER A 187 15.56 -12.39 11.11
CA SER A 187 15.97 -13.69 10.58
C SER A 187 17.39 -13.94 10.94
N MET A 188 17.66 -15.23 11.19
CA MET A 188 19.00 -15.69 11.52
C MET A 188 19.80 -16.10 10.28
N LYS A 189 19.12 -16.08 9.16
CA LYS A 189 19.74 -16.53 7.91
C LYS A 189 20.52 -15.38 7.25
N PRO A 190 21.85 -15.53 7.03
CA PRO A 190 22.65 -14.39 6.57
C PRO A 190 22.39 -13.96 5.15
N GLU A 191 21.64 -14.77 4.40
CA GLU A 191 21.33 -14.45 3.03
C GLU A 191 20.26 -13.37 2.97
N PHE A 192 19.62 -13.09 4.09
CA PHE A 192 18.56 -12.04 4.10
C PHE A 192 19.12 -10.70 4.59
N LEU A 193 18.76 -9.65 3.90
CA LEU A 193 19.08 -8.28 4.30
C LEU A 193 18.07 -7.75 5.28
N HIS A 194 18.53 -6.90 6.17
CA HIS A 194 17.65 -6.13 7.10
C HIS A 194 17.91 -4.65 6.85
N LEU A 195 16.84 -3.97 6.45
CA LEU A 195 16.83 -2.53 6.22
C LEU A 195 15.93 -1.87 7.24
N THR A 196 16.43 -0.82 7.86
CA THR A 196 15.72 -0.21 8.99
C THR A 196 15.48 1.29 8.74
N PRO A 197 14.22 1.67 8.59
CA PRO A 197 13.85 3.07 8.57
C PRO A 197 13.55 3.55 10.01
N GLY A 198 13.20 4.81 10.13
CA GLY A 198 13.05 5.41 11.46
C GLY A 198 14.40 5.63 12.11
N VAL A 199 15.30 6.25 11.38
CA VAL A 199 16.66 6.51 11.87
C VAL A 199 17.00 7.98 11.76
N GLN A 200 17.51 8.48 12.90
CA GLN A 200 18.10 9.82 13.00
CA GLN A 200 18.17 9.78 12.93
C GLN A 200 19.19 9.77 14.07
N LEU A 201 20.16 10.67 14.00
CA LEU A 201 21.23 10.69 15.03
C LEU A 201 20.72 11.01 16.42
N GLU A 202 19.77 11.94 16.48
CA GLU A 202 19.17 12.40 17.75
C GLU A 202 17.85 11.69 18.01
N ALA A 203 17.52 11.58 19.29
CA ALA A 203 16.24 11.11 19.80
C ALA A 203 15.12 11.97 19.28
N GLY A 204 13.97 11.35 19.00
CA GLY A 204 12.78 12.05 18.59
C GLY A 204 11.84 11.28 17.70
N GLY A 205 11.02 12.06 17.04
CA GLY A 205 9.99 11.53 16.16
C GLY A 205 9.46 12.63 15.30
N ASP A 206 8.35 12.40 14.64
CA ASP A 206 7.63 13.47 13.97
C ASP A 206 6.26 13.62 14.60
N ASN A 207 5.46 14.48 14.00
CA ASN A 207 4.11 14.74 14.55
C ASN A 207 3.00 13.89 13.97
N LEU A 208 3.42 12.87 13.24
CA LEU A 208 2.50 11.93 12.58
C LEU A 208 2.95 10.49 12.83
N GLY A 209 3.47 10.26 14.01
CA GLY A 209 3.74 8.92 14.52
C GLY A 209 5.09 8.27 14.17
N GLN A 210 5.96 8.97 13.46
CA GLN A 210 7.27 8.40 13.22
C GLN A 210 8.08 8.43 14.49
N GLN A 211 8.86 7.39 14.69
CA GLN A 211 9.79 7.31 15.84
C GLN A 211 11.18 7.00 15.34
N TYR A 212 12.17 7.62 15.95
CA TYR A 212 13.56 7.48 15.53
C TYR A 212 14.41 6.78 16.57
N ASN A 213 15.34 6.01 16.02
CA ASN A 213 16.49 5.43 16.72
C ASN A 213 17.74 5.72 15.98
N SER A 214 18.87 5.63 16.67
CA SER A 214 20.14 5.99 16.08
C SER A 214 20.75 4.88 15.22
N PRO A 215 21.69 5.28 14.33
CA PRO A 215 22.42 4.24 13.57
C PRO A 215 23.10 3.21 14.46
N GLN A 216 23.75 3.67 15.52
CA GLN A 216 24.43 2.73 16.42
C GLN A 216 23.44 1.77 17.07
N GLU A 217 22.29 2.27 17.48
CA GLU A 217 21.26 1.41 18.07
C GLU A 217 20.80 0.36 17.06
N VAL A 218 20.45 0.75 15.86
CA VAL A 218 19.75 -0.19 14.99
C VAL A 218 20.72 -1.16 14.29
N ILE A 219 21.90 -0.67 13.94
CA ILE A 219 22.91 -1.50 13.26
C ILE A 219 23.70 -2.30 14.31
N GLY A 220 24.18 -1.58 15.32
CA GLY A 220 25.09 -2.13 16.32
C GLY A 220 24.35 -3.00 17.29
N LYS A 221 23.36 -2.46 17.96
CA LYS A 221 22.67 -3.19 19.03
C LYS A 221 21.59 -4.15 18.51
N ARG A 222 20.89 -3.71 17.48
CA ARG A 222 19.71 -4.45 17.01
C ARG A 222 20.00 -5.34 15.81
N GLY A 223 21.21 -5.22 15.30
CA GLY A 223 21.72 -6.13 14.27
C GLY A 223 21.19 -5.98 12.86
N SER A 224 20.62 -4.85 12.55
CA SER A 224 20.22 -4.59 11.16
CA SER A 224 20.23 -4.57 11.15
C SER A 224 21.43 -4.31 10.27
N ASP A 225 21.21 -4.30 8.96
CA ASP A 225 22.28 -4.12 7.96
C ASP A 225 22.45 -2.73 7.39
N ILE A 226 21.32 -2.13 7.09
CA ILE A 226 21.25 -0.91 6.36
C ILE A 226 20.28 0.04 7.07
N ILE A 227 20.67 1.31 7.17
CA ILE A 227 19.75 2.34 7.66
C ILE A 227 19.16 3.08 6.47
N ILE A 228 17.84 3.35 6.59
CA ILE A 228 17.10 4.21 5.64
C ILE A 228 16.85 5.54 6.33
N VAL A 229 17.32 6.61 5.68
CA VAL A 229 17.25 7.98 6.23
C VAL A 229 16.73 8.89 5.18
N GLY A 230 15.62 9.58 5.56
CA GLY A 230 15.09 10.61 4.67
C GLY A 230 15.38 12.00 5.23
N ARG A 231 14.48 12.48 6.08
CA ARG A 231 14.52 13.82 6.61
C ARG A 231 15.82 14.12 7.33
N GLY A 232 16.41 13.15 8.00
CA GLY A 232 17.65 13.40 8.74
C GLY A 232 18.73 13.97 7.83
N ILE A 233 18.72 13.55 6.57
CA ILE A 233 19.60 14.09 5.54
C ILE A 233 19.00 15.23 4.80
N ILE A 234 17.80 15.06 4.26
CA ILE A 234 17.28 16.04 3.30
C ILE A 234 16.98 17.40 3.92
N SER A 235 16.59 17.38 5.17
CA SER A 235 16.28 18.65 5.91
C SER A 235 17.51 19.32 6.47
N ALA A 236 18.67 18.71 6.35
CA ALA A 236 19.93 19.31 6.85
C ALA A 236 20.32 20.46 5.93
N ALA A 237 21.02 21.43 6.50
CA ALA A 237 21.54 22.53 5.65
C ALA A 237 22.49 21.99 4.58
N ASP A 238 23.44 21.19 5.01
CA ASP A 238 24.46 20.57 4.13
C ASP A 238 24.15 19.09 3.96
N ARG A 239 23.50 18.75 2.84
CA ARG A 239 23.05 17.36 2.64
C ARG A 239 24.21 16.41 2.43
N LEU A 240 25.28 16.91 1.83
CA LEU A 240 26.46 16.08 1.59
C LEU A 240 27.07 15.65 2.91
N GLU A 241 27.28 16.61 3.77
CA GLU A 241 27.85 16.35 5.08
C GLU A 241 26.94 15.47 5.90
N ALA A 242 25.63 15.72 5.83
CA ALA A 242 24.71 14.90 6.59
C ALA A 242 24.82 13.43 6.10
N ALA A 243 24.78 13.25 4.80
CA ALA A 243 24.85 11.86 4.25
C ALA A 243 26.15 11.20 4.71
N GLU A 244 27.25 11.95 4.71
CA GLU A 244 28.53 11.41 5.21
C GLU A 244 28.48 11.02 6.70
N MET A 245 27.82 11.84 7.49
CA MET A 245 27.69 11.58 8.90
CA MET A 245 27.67 11.60 8.92
C MET A 245 26.92 10.29 9.15
N TYR A 246 25.81 10.12 8.43
CA TYR A 246 25.00 8.91 8.55
C TYR A 246 25.76 7.68 8.01
N ARG A 247 26.45 7.84 6.90
CA ARG A 247 27.25 6.71 6.37
C ARG A 247 28.30 6.26 7.37
N LYS A 248 29.01 7.22 7.92
CA LYS A 248 30.10 6.88 8.85
C LYS A 248 29.56 6.23 10.11
N ALA A 249 28.43 6.72 10.60
CA ALA A 249 27.77 6.13 11.73
C ALA A 249 27.39 4.67 11.48
N ALA A 250 26.66 4.47 10.39
CA ALA A 250 26.18 3.15 10.08
C ALA A 250 27.35 2.18 9.82
N TRP A 251 28.37 2.68 9.18
CA TRP A 251 29.49 1.82 8.75
C TRP A 251 30.28 1.38 9.97
N GLU A 252 30.55 2.33 10.85
CA GLU A 252 31.31 2.01 12.07
C GLU A 252 30.52 1.06 12.95
N ALA A 253 29.20 1.23 13.02
CA ALA A 253 28.40 0.35 13.84
C ALA A 253 28.47 -1.10 13.30
N TYR A 254 28.44 -1.22 11.98
CA TYR A 254 28.60 -2.50 11.30
C TYR A 254 29.97 -3.11 11.61
N LEU A 255 31.02 -2.32 11.46
CA LEU A 255 32.37 -2.84 11.70
C LEU A 255 32.52 -3.38 13.13
N SER A 256 31.87 -2.73 14.05
CA SER A 256 32.06 -2.99 15.48
C SER A 256 31.44 -4.29 15.80
N ARG A 257 30.35 -4.54 15.12
CA ARG A 257 29.55 -5.74 15.34
CA ARG A 257 29.57 -5.74 15.37
C ARG A 257 30.31 -6.90 14.77
N LEU A 258 31.07 -6.57 13.74
CA LEU A 258 31.76 -7.57 12.93
C LEU A 258 33.00 -7.99 13.63
N GLY A 259 33.51 -7.04 14.39
CA GLY A 259 34.74 -7.19 15.15
C GLY A 259 35.87 -7.83 14.36
N MET B 3 -33.29 -4.50 15.07
CA MET B 3 -32.52 -3.27 15.42
C MET B 3 -31.74 -2.84 14.20
N GLU B 4 -32.24 -3.36 13.10
CA GLU B 4 -31.68 -3.06 11.75
C GLU B 4 -32.41 -1.87 11.16
N LEU B 5 -31.64 -0.95 10.61
CA LEU B 5 -32.16 0.27 9.97
C LEU B 5 -31.89 0.26 8.49
N SER B 6 -32.79 0.83 7.73
CA SER B 6 -32.62 0.99 6.28
C SER B 6 -31.41 1.89 6.03
N PHE B 7 -30.89 1.79 4.83
CA PHE B 7 -29.84 2.72 4.39
C PHE B 7 -30.34 4.19 4.53
N GLY B 8 -31.58 4.43 4.13
CA GLY B 8 -32.12 5.78 4.18
C GLY B 8 -32.20 6.33 5.58
N ALA B 9 -32.56 5.47 6.52
CA ALA B 9 -32.61 5.86 7.92
C ALA B 9 -31.21 6.06 8.48
N ARG B 10 -30.30 5.19 8.09
CA ARG B 10 -28.90 5.33 8.54
C ARG B 10 -28.29 6.66 8.08
N ALA B 11 -28.73 7.15 6.92
CA ALA B 11 -28.26 8.43 6.37
C ALA B 11 -28.57 9.59 7.34
N GLU B 12 -29.54 9.39 8.23
CA GLU B 12 -30.04 10.42 9.15
C GLU B 12 -29.49 10.27 10.53
N LEU B 13 -28.63 9.28 10.78
CA LEU B 13 -28.09 9.06 12.12
C LEU B 13 -27.32 10.29 12.59
N PRO B 14 -27.44 10.60 13.88
CA PRO B 14 -26.78 11.79 14.38
C PRO B 14 -25.30 11.93 14.10
N ARG B 15 -24.57 10.84 14.20
CA ARG B 15 -23.11 10.94 14.12
C ARG B 15 -22.59 10.68 12.72
N ILE B 16 -23.48 10.63 11.76
CA ILE B 16 -23.08 10.24 10.38
C ILE B 16 -22.21 11.30 9.68
N HIS B 17 -21.19 10.84 9.01
CA HIS B 17 -20.37 11.72 8.19
C HIS B 17 -21.12 12.16 6.92
N PRO B 18 -20.93 13.39 6.47
CA PRO B 18 -21.64 13.80 5.26
C PRO B 18 -21.43 12.91 4.04
N VAL B 19 -20.22 12.41 3.82
CA VAL B 19 -19.99 11.57 2.63
C VAL B 19 -20.76 10.26 2.75
N ALA B 20 -20.84 9.75 3.96
CA ALA B 20 -21.58 8.50 4.29
C ALA B 20 -23.07 8.74 4.06
N SER B 21 -23.57 9.88 4.53
CA SER B 21 -24.98 10.18 4.36
C SER B 21 -25.30 10.26 2.88
N LYS B 22 -24.45 10.90 2.09
CA LYS B 22 -24.67 11.06 0.66
C LYS B 22 -24.77 9.65 0.02
N LEU B 23 -23.82 8.79 0.38
CA LEU B 23 -23.79 7.44 -0.14
C LEU B 23 -25.07 6.67 0.25
N LEU B 24 -25.44 6.71 1.51
CA LEU B 24 -26.60 5.96 2.02
C LEU B 24 -27.88 6.43 1.33
N ARG B 25 -27.98 7.74 1.06
CA ARG B 25 -29.18 8.28 0.37
C ARG B 25 -29.27 7.74 -1.05
N LEU B 26 -28.15 7.70 -1.76
CA LEU B 26 -28.21 7.27 -3.18
C LEU B 26 -28.38 5.76 -3.25
N MET B 27 -27.91 5.04 -2.25
CA MET B 27 -28.11 3.57 -2.15
C MET B 27 -29.61 3.31 -2.06
N GLN B 28 -30.25 4.01 -1.12
CA GLN B 28 -31.69 3.92 -0.92
C GLN B 28 -32.46 4.31 -2.17
N LYS B 29 -32.09 5.41 -2.80
CA LYS B 29 -32.84 5.92 -3.94
C LYS B 29 -32.79 4.98 -5.13
N LYS B 30 -31.62 4.41 -5.32
CA LYS B 30 -31.33 3.64 -6.53
C LYS B 30 -31.48 2.15 -6.33
N GLU B 31 -31.72 1.76 -5.10
CA GLU B 31 -31.80 0.34 -4.72
C GLU B 31 -30.55 -0.41 -5.16
N THR B 32 -29.42 0.13 -4.76
CA THR B 32 -28.15 -0.52 -5.01
C THR B 32 -27.16 -0.37 -3.86
N ASN B 33 -26.57 -1.51 -3.53
CA ASN B 33 -25.46 -1.62 -2.54
C ASN B 33 -24.27 -2.37 -3.18
N LEU B 34 -24.07 -2.06 -4.45
CA LEU B 34 -22.99 -2.64 -5.27
C LEU B 34 -21.94 -1.59 -5.58
N CYS B 35 -20.70 -1.95 -5.27
CA CYS B 35 -19.50 -1.21 -5.68
C CYS B 35 -18.79 -2.02 -6.76
N LEU B 36 -18.65 -1.41 -7.91
CA LEU B 36 -17.90 -2.00 -9.05
C LEU B 36 -16.45 -1.69 -8.87
N SER B 37 -15.62 -2.71 -8.92
CA SER B 37 -14.14 -2.55 -8.89
C SER B 37 -13.69 -2.70 -10.29
N ALA B 38 -13.21 -1.62 -10.86
CA ALA B 38 -12.84 -1.54 -12.28
C ALA B 38 -11.31 -1.39 -12.52
N ASP B 39 -10.61 -2.52 -12.46
CA ASP B 39 -9.10 -2.53 -12.54
C ASP B 39 -8.65 -2.73 -13.97
N VAL B 40 -9.14 -1.86 -14.82
CA VAL B 40 -8.87 -1.84 -16.25
C VAL B 40 -7.66 -0.97 -16.60
N SER B 41 -7.08 -1.20 -17.74
CA SER B 41 -5.83 -0.52 -18.09
C SER B 41 -6.05 0.74 -18.90
N LEU B 42 -7.24 0.85 -19.46
CA LEU B 42 -7.58 1.92 -20.36
C LEU B 42 -8.67 2.85 -19.88
N ALA B 43 -8.42 4.13 -20.02
CA ALA B 43 -9.40 5.17 -19.63
C ALA B 43 -10.71 5.02 -20.38
N ARG B 44 -10.64 4.73 -21.68
CA ARG B 44 -11.87 4.60 -22.46
C ARG B 44 -12.76 3.49 -21.90
N GLU B 45 -12.18 2.38 -21.50
CA GLU B 45 -12.94 1.28 -20.87
C GLU B 45 -13.53 1.67 -19.52
N LEU B 46 -12.71 2.33 -18.72
CA LEU B 46 -13.15 2.81 -17.40
C LEU B 46 -14.39 3.71 -17.54
N LEU B 47 -14.31 4.66 -18.45
CA LEU B 47 -15.39 5.63 -18.65
C LEU B 47 -16.63 4.96 -19.23
N GLN B 48 -16.43 4.04 -20.17
CA GLN B 48 -17.59 3.31 -20.76
C GLN B 48 -18.28 2.44 -19.73
N LEU B 49 -17.53 1.82 -18.82
CA LEU B 49 -18.09 1.03 -17.75
C LEU B 49 -18.85 1.93 -16.74
N ALA B 50 -18.23 3.06 -16.41
CA ALA B 50 -18.81 4.01 -15.46
C ALA B 50 -20.16 4.53 -15.98
N ASP B 51 -20.20 4.81 -17.27
CA ASP B 51 -21.42 5.35 -17.89
C ASP B 51 -22.50 4.28 -17.94
N ALA B 52 -22.16 3.09 -18.39
CA ALA B 52 -23.18 2.05 -18.61
C ALA B 52 -23.67 1.42 -17.29
N LEU B 53 -22.76 1.26 -16.36
CA LEU B 53 -23.09 0.62 -15.11
C LEU B 53 -23.45 1.60 -13.97
N GLY B 54 -23.22 2.88 -14.25
CA GLY B 54 -23.47 3.95 -13.28
C GLY B 54 -24.82 3.82 -12.58
N PRO B 55 -25.90 3.62 -13.33
CA PRO B 55 -27.23 3.52 -12.71
C PRO B 55 -27.40 2.34 -11.76
N SER B 56 -26.53 1.34 -11.89
CA SER B 56 -26.64 0.07 -11.16
C SER B 56 -25.78 -0.01 -9.91
N ILE B 57 -24.93 0.99 -9.69
CA ILE B 57 -23.89 0.93 -8.63
C ILE B 57 -24.04 2.12 -7.68
N CYS B 58 -23.64 1.91 -6.44
CA CYS B 58 -23.57 3.02 -5.49
C CYS B 58 -22.17 3.65 -5.46
N MET B 59 -21.21 2.97 -6.09
CA MET B 59 -19.79 3.34 -5.98
C MET B 59 -19.01 2.67 -7.07
N LEU B 60 -17.99 3.38 -7.53
CA LEU B 60 -17.00 2.84 -8.46
CA LEU B 60 -17.01 2.87 -8.47
C LEU B 60 -15.64 2.92 -7.81
N LYS B 61 -15.04 1.76 -7.68
CA LYS B 61 -13.68 1.63 -7.15
C LYS B 61 -12.72 1.68 -8.33
N THR B 62 -11.95 2.75 -8.37
CA THR B 62 -10.91 2.99 -9.36
C THR B 62 -9.58 2.40 -8.93
N HIS B 63 -8.79 2.14 -9.95
CA HIS B 63 -7.42 1.65 -9.74
C HIS B 63 -6.43 2.50 -10.50
N VAL B 64 -6.21 3.70 -10.02
CA VAL B 64 -5.44 4.67 -10.77
C VAL B 64 -4.01 4.20 -11.05
N ASP B 65 -3.50 3.33 -10.17
CA ASP B 65 -2.12 2.81 -10.29
C ASP B 65 -1.96 1.87 -11.47
N ILE B 66 -3.07 1.45 -12.06
CA ILE B 66 -3.11 0.47 -13.17
C ILE B 66 -3.54 1.15 -14.51
N LEU B 67 -4.04 2.37 -14.44
CA LEU B 67 -4.54 3.08 -15.62
C LEU B 67 -3.42 3.63 -16.46
N ASN B 68 -3.19 3.01 -17.60
CA ASN B 68 -2.02 3.37 -18.43
C ASN B 68 -2.03 4.76 -19.00
N ASP B 69 -3.21 5.31 -19.12
CA ASP B 69 -3.39 6.61 -19.76
C ASP B 69 -4.13 7.58 -18.85
N PHE B 70 -3.88 7.44 -17.55
CA PHE B 70 -4.36 8.41 -16.58
C PHE B 70 -4.05 9.83 -17.00
N THR B 71 -5.06 10.69 -16.85
CA THR B 71 -4.85 12.14 -16.76
C THR B 71 -5.87 12.68 -15.83
N LEU B 72 -5.65 13.91 -15.40
CA LEU B 72 -6.66 14.54 -14.53
C LEU B 72 -7.95 14.84 -15.32
N ASP B 73 -7.84 14.99 -16.64
CA ASP B 73 -9.04 15.17 -17.48
C ASP B 73 -9.90 13.91 -17.48
N VAL B 74 -9.28 12.72 -17.43
CA VAL B 74 -10.03 11.48 -17.31
C VAL B 74 -10.85 11.51 -16.04
N MET B 75 -10.24 11.95 -14.95
CA MET B 75 -10.93 11.98 -13.66
CA MET B 75 -10.92 12.01 -13.66
C MET B 75 -12.05 13.02 -13.65
N LYS B 76 -11.86 14.12 -14.37
CA LYS B 76 -12.90 15.13 -14.53
C LYS B 76 -14.12 14.51 -15.19
N GLU B 77 -13.89 13.72 -16.23
CA GLU B 77 -15.01 13.07 -16.91
CA GLU B 77 -14.98 13.05 -16.94
C GLU B 77 -15.67 12.04 -16.02
N LEU B 78 -14.88 11.32 -15.24
CA LEU B 78 -15.44 10.36 -14.31
C LEU B 78 -16.33 11.04 -13.26
N ILE B 79 -15.86 12.20 -12.77
CA ILE B 79 -16.64 12.95 -11.80
C ILE B 79 -18.00 13.33 -12.42
N THR B 80 -17.96 13.76 -13.66
CA THR B 80 -19.20 14.13 -14.39
C THR B 80 -20.17 12.96 -14.38
N LEU B 81 -19.66 11.78 -14.69
CA LEU B 81 -20.47 10.54 -14.71
C LEU B 81 -20.99 10.18 -13.34
N ALA B 82 -20.16 10.36 -12.34
CA ALA B 82 -20.52 10.07 -10.95
C ALA B 82 -21.67 10.98 -10.51
N LYS B 83 -21.56 12.25 -10.90
CA LYS B 83 -22.64 13.21 -10.59
C LYS B 83 -23.93 12.90 -11.32
N CYS B 84 -23.81 12.56 -12.58
CA CYS B 84 -24.98 12.28 -13.40
C CYS B 84 -25.73 11.04 -12.92
N HIS B 85 -24.99 9.95 -12.74
CA HIS B 85 -25.60 8.69 -12.38
C HIS B 85 -25.77 8.45 -10.90
N GLU B 86 -25.11 9.32 -10.13
CA GLU B 86 -25.15 9.29 -8.65
C GLU B 86 -24.44 8.08 -8.07
N PHE B 87 -23.12 8.13 -8.03
CA PHE B 87 -22.30 7.14 -7.35
C PHE B 87 -21.07 7.84 -6.79
N LEU B 88 -20.49 7.27 -5.76
CA LEU B 88 -19.23 7.78 -5.21
CA LEU B 88 -19.21 7.74 -5.17
C LEU B 88 -18.04 7.14 -5.91
N ILE B 89 -16.94 7.85 -5.89
CA ILE B 89 -15.61 7.39 -6.41
C ILE B 89 -14.71 6.98 -5.26
N PHE B 90 -14.26 5.74 -5.29
CA PHE B 90 -13.45 5.14 -4.22
C PHE B 90 -12.17 4.66 -4.86
N GLU B 91 -11.04 5.27 -4.52
CA GLU B 91 -9.76 4.81 -5.07
C GLU B 91 -9.28 3.60 -4.26
N ASN B 92 -8.83 2.60 -4.99
CA ASN B 92 -8.43 1.33 -4.38
C ASN B 92 -7.13 1.38 -3.57
N ARG B 93 -6.20 2.22 -3.96
CA ARG B 93 -4.83 2.20 -3.37
C ARG B 93 -4.89 1.97 -1.88
N LYS B 94 -4.31 0.90 -1.38
CA LYS B 94 -4.42 0.54 0.04
C LYS B 94 -3.27 1.21 0.82
N PHE B 95 -3.51 2.45 1.22
CA PHE B 95 -2.50 3.24 1.89
C PHE B 95 -1.99 2.53 3.08
N ALA B 96 -0.67 2.54 3.28
CA ALA B 96 -0.07 1.62 4.30
C ALA B 96 1.33 2.05 4.66
N ASP B 97 1.49 3.31 5.03
CA ASP B 97 2.80 3.90 5.33
C ASP B 97 2.63 4.81 6.53
N ILE B 98 3.74 5.33 7.00
CA ILE B 98 3.73 6.32 8.08
C ILE B 98 2.92 7.53 7.60
N GLY B 99 2.39 8.24 8.59
CA GLY B 99 1.54 9.40 8.33
C GLY B 99 2.11 10.43 7.41
N ASN B 100 3.40 10.73 7.59
CA ASN B 100 4.00 11.82 6.83
C ASN B 100 4.04 11.46 5.35
N THR B 101 4.22 10.18 5.07
CA THR B 101 4.34 9.69 3.68
C THR B 101 2.97 9.54 3.04
N VAL B 102 2.04 8.95 3.75
CA VAL B 102 0.69 8.77 3.15
C VAL B 102 0.00 10.09 2.85
N LYS B 103 0.29 11.13 3.63
CA LYS B 103 -0.27 12.45 3.40
C LYS B 103 0.09 12.92 2.00
N LYS B 104 1.36 12.75 1.64
CA LYS B 104 1.88 13.19 0.33
C LYS B 104 1.36 12.29 -0.80
N GLN B 105 1.24 10.99 -0.50
CA GLN B 105 0.75 10.01 -1.49
C GLN B 105 -0.70 10.29 -1.85
N TYR B 106 -1.43 10.82 -0.89
CA TYR B 106 -2.87 11.06 -1.05
C TYR B 106 -3.12 12.37 -1.74
N GLU B 107 -2.39 13.43 -1.34
CA GLU B 107 -2.63 14.74 -1.86
C GLU B 107 -1.95 15.00 -3.20
N GLY B 108 -0.76 14.42 -3.41
CA GLY B 108 0.15 14.88 -4.44
C GLY B 108 0.46 13.93 -5.56
N GLY B 109 1.66 14.10 -6.10
CA GLY B 109 2.08 13.37 -7.28
C GLY B 109 1.23 13.75 -8.47
N ILE B 110 1.36 12.92 -9.49
CA ILE B 110 0.60 13.10 -10.72
CA ILE B 110 0.60 13.13 -10.72
C ILE B 110 -0.89 12.85 -10.51
N PHE B 111 -1.22 11.93 -9.61
CA PHE B 111 -2.61 11.48 -9.50
C PHE B 111 -3.49 12.44 -8.70
N LYS B 112 -2.94 13.10 -7.69
CA LYS B 112 -3.72 13.97 -6.81
C LYS B 112 -5.02 13.30 -6.35
N ILE B 113 -4.93 12.15 -5.75
CA ILE B 113 -6.07 11.29 -5.42
C ILE B 113 -7.12 12.06 -4.65
N ALA B 114 -6.72 12.87 -3.69
CA ALA B 114 -7.68 13.53 -2.79
C ALA B 114 -8.56 14.48 -3.59
N SER B 115 -8.09 14.96 -4.70
CA SER B 115 -8.81 15.95 -5.53
C SER B 115 -10.04 15.36 -6.25
N TRP B 116 -10.11 14.04 -6.39
CA TRP B 116 -11.20 13.38 -7.15
C TRP B 116 -11.82 12.19 -6.46
N ALA B 117 -11.21 11.59 -5.47
CA ALA B 117 -11.77 10.41 -4.81
C ALA B 117 -12.60 10.82 -3.62
N ASP B 118 -13.86 10.43 -3.61
CA ASP B 118 -14.68 10.59 -2.40
C ASP B 118 -14.14 9.82 -1.20
N LEU B 119 -13.72 8.59 -1.48
CA LEU B 119 -13.33 7.62 -0.45
C LEU B 119 -11.98 7.04 -0.79
N VAL B 120 -11.22 6.79 0.26
CA VAL B 120 -9.97 6.04 0.19
C VAL B 120 -10.01 4.98 1.27
N ASN B 121 -9.13 3.98 1.15
CA ASN B 121 -8.98 2.95 2.17
C ASN B 121 -7.54 2.87 2.67
N ALA B 122 -7.41 2.49 3.95
CA ALA B 122 -6.09 2.40 4.53
C ALA B 122 -5.97 1.19 5.38
N HIS B 123 -4.75 0.61 5.34
CA HIS B 123 -4.38 -0.42 6.29
C HIS B 123 -3.99 0.16 7.65
N VAL B 124 -4.25 -0.59 8.69
CA VAL B 124 -4.04 -0.11 10.05
C VAL B 124 -2.68 -0.52 10.63
N VAL B 125 -2.01 -1.42 9.93
CA VAL B 125 -0.68 -1.90 10.37
C VAL B 125 0.29 -0.80 10.85
N PRO B 126 0.33 0.40 10.23
CA PRO B 126 1.31 1.38 10.72
C PRO B 126 0.95 2.04 12.04
N GLY B 127 -0.24 1.78 12.55
CA GLY B 127 -0.74 2.54 13.66
C GLY B 127 -1.52 3.75 13.18
N SER B 128 -2.07 4.50 14.13
CA SER B 128 -3.09 5.52 13.79
C SER B 128 -2.53 6.73 13.05
N GLY B 129 -1.21 6.88 13.02
CA GLY B 129 -0.63 7.92 12.22
C GLY B 129 -1.05 7.85 10.76
N VAL B 130 -1.30 6.65 10.25
CA VAL B 130 -1.75 6.52 8.86
C VAL B 130 -3.06 7.31 8.63
N VAL B 131 -3.94 7.21 9.60
CA VAL B 131 -5.23 7.90 9.53
C VAL B 131 -5.05 9.40 9.74
N LYS B 132 -4.21 9.76 10.69
CA LYS B 132 -3.93 11.19 10.94
C LYS B 132 -3.36 11.88 9.71
N GLY B 133 -2.46 11.21 9.01
CA GLY B 133 -1.89 11.79 7.81
C GLY B 133 -2.93 12.01 6.71
N LEU B 134 -3.73 10.98 6.47
CA LEU B 134 -4.77 11.09 5.46
C LEU B 134 -5.79 12.15 5.81
N GLN B 135 -6.11 12.21 7.08
CA GLN B 135 -7.14 13.14 7.58
CA GLN B 135 -7.14 13.14 7.55
C GLN B 135 -6.75 14.59 7.35
N GLU B 136 -5.46 14.87 7.50
CA GLU B 136 -4.96 16.22 7.34
C GLU B 136 -5.21 16.77 5.96
N VAL B 137 -5.37 15.84 4.99
CA VAL B 137 -5.65 16.21 3.62
C VAL B 137 -7.19 16.12 3.34
N GLY B 138 -7.81 15.03 3.76
CA GLY B 138 -9.16 14.77 3.33
C GLY B 138 -10.26 15.41 4.11
N LEU B 139 -9.99 15.80 5.34
CA LEU B 139 -11.05 16.35 6.21
C LEU B 139 -11.79 17.53 5.61
N PRO B 140 -11.10 18.59 5.15
CA PRO B 140 -11.79 19.76 4.62
C PRO B 140 -12.44 19.55 3.26
N LEU B 141 -11.97 18.55 2.54
CA LEU B 141 -12.53 18.12 1.26
C LEU B 141 -13.80 17.26 1.40
N HIS B 142 -14.24 17.02 2.61
CA HIS B 142 -15.42 16.16 2.85
C HIS B 142 -15.20 14.76 2.33
N ARG B 143 -13.94 14.35 2.35
CA ARG B 143 -13.62 12.90 2.07
C ARG B 143 -13.82 12.05 3.27
N GLY B 144 -13.91 10.76 2.99
CA GLY B 144 -13.94 9.75 4.06
C GLY B 144 -12.93 8.63 3.77
N CYS B 145 -12.64 7.89 4.81
CA CYS B 145 -11.68 6.81 4.76
C CYS B 145 -12.31 5.55 5.31
N LEU B 146 -11.96 4.41 4.71
CA LEU B 146 -12.32 3.09 5.18
C LEU B 146 -11.09 2.41 5.69
N LEU B 147 -11.17 1.79 6.86
CA LEU B 147 -10.04 1.00 7.42
CA LEU B 147 -10.05 1.00 7.43
C LEU B 147 -10.19 -0.47 7.11
N ILE B 148 -9.08 -1.06 6.70
CA ILE B 148 -9.04 -2.47 6.29
C ILE B 148 -8.91 -3.35 7.53
N ALA B 149 -10.03 -3.77 8.05
CA ALA B 149 -10.15 -4.56 9.27
C ALA B 149 -9.97 -6.06 9.08
N GLU B 150 -10.35 -6.53 7.90
CA GLU B 150 -10.17 -7.93 7.50
C GLU B 150 -9.87 -7.93 6.00
N MET B 151 -9.20 -8.97 5.52
CA MET B 151 -8.91 -9.16 4.09
C MET B 151 -9.52 -10.50 3.63
N SER B 152 -9.77 -10.56 2.34
CA SER B 152 -10.46 -11.72 1.76
C SER B 152 -9.51 -12.81 1.32
N SER B 153 -8.23 -12.55 1.34
CA SER B 153 -7.24 -13.43 0.75
C SER B 153 -6.70 -14.48 1.72
N THR B 154 -6.26 -15.59 1.15
CA THR B 154 -5.77 -16.73 1.94
CA THR B 154 -5.74 -16.74 1.91
C THR B 154 -4.50 -16.33 2.66
N GLY B 155 -4.50 -16.58 3.97
CA GLY B 155 -3.35 -16.27 4.82
C GLY B 155 -3.39 -14.87 5.41
N SER B 156 -4.50 -14.17 5.19
CA SER B 156 -4.66 -12.82 5.75
C SER B 156 -4.28 -12.79 7.23
N LEU B 157 -3.53 -11.77 7.62
CA LEU B 157 -3.15 -11.52 9.01
C LEU B 157 -4.04 -10.51 9.69
N ALA B 158 -5.07 -10.06 8.97
CA ALA B 158 -6.04 -9.09 9.53
C ALA B 158 -7.17 -9.81 10.24
N THR B 159 -6.78 -10.35 11.36
CA THR B 159 -7.66 -11.18 12.19
C THR B 159 -7.50 -10.84 13.67
N GLY B 160 -8.42 -11.32 14.48
CA GLY B 160 -8.25 -11.21 15.91
C GLY B 160 -8.00 -9.81 16.40
N ASP B 161 -6.92 -9.67 17.16
CA ASP B 161 -6.58 -8.41 17.79
C ASP B 161 -6.32 -7.30 16.75
N TYR B 162 -5.89 -7.70 15.56
CA TYR B 162 -5.62 -6.75 14.46
C TYR B 162 -6.92 -6.09 14.04
N THR B 163 -7.93 -6.92 13.86
CA THR B 163 -9.28 -6.44 13.50
C THR B 163 -9.81 -5.52 14.58
N ARG B 164 -9.65 -5.93 15.83
CA ARG B 164 -10.13 -5.11 16.94
C ARG B 164 -9.45 -3.77 16.97
N ALA B 165 -8.17 -3.78 16.66
CA ALA B 165 -7.42 -2.50 16.60
C ALA B 165 -7.95 -1.55 15.50
N ALA B 166 -8.29 -2.12 14.37
CA ALA B 166 -8.92 -1.36 13.29
C ALA B 166 -10.24 -0.69 13.73
N VAL B 167 -11.02 -1.43 14.51
CA VAL B 167 -12.33 -0.92 14.97
C VAL B 167 -12.10 0.23 15.94
N ARG B 168 -11.17 0.04 16.85
CA ARG B 168 -10.85 1.11 17.83
C ARG B 168 -10.34 2.37 17.11
N MET B 169 -9.51 2.18 16.10
CA MET B 169 -8.92 3.28 15.37
CA MET B 169 -8.94 3.30 15.35
C MET B 169 -10.03 4.07 14.67
N ALA B 170 -10.98 3.35 14.09
CA ALA B 170 -12.13 3.99 13.43
C ALA B 170 -12.92 4.87 14.38
N GLU B 171 -13.17 4.31 15.56
CA GLU B 171 -13.97 4.98 16.62
C GLU B 171 -13.32 6.23 17.05
N GLU B 172 -12.01 6.20 17.07
CA GLU B 172 -11.23 7.31 17.60
C GLU B 172 -10.99 8.40 16.56
N HIS B 173 -11.36 8.08 15.31
CA HIS B 173 -11.23 9.03 14.18
C HIS B 173 -12.47 9.17 13.35
N SER B 174 -13.61 9.25 14.01
CA SER B 174 -14.89 9.20 13.31
C SER B 174 -15.27 10.47 12.55
N GLU B 175 -14.49 11.53 12.71
CA GLU B 175 -14.63 12.74 11.90
C GLU B 175 -14.23 12.49 10.46
N PHE B 176 -13.54 11.38 10.24
CA PHE B 176 -12.93 11.05 8.92
C PHE B 176 -13.10 9.60 8.48
N VAL B 177 -12.98 8.69 9.43
CA VAL B 177 -13.21 7.26 9.14
C VAL B 177 -14.70 6.98 9.16
N VAL B 178 -15.19 6.44 8.01
CA VAL B 178 -16.61 6.21 7.77
C VAL B 178 -17.00 4.75 7.75
N GLY B 179 -16.01 3.87 7.88
CA GLY B 179 -16.31 2.44 7.80
C GLY B 179 -15.08 1.60 7.58
N PHE B 180 -15.39 0.39 7.13
CA PHE B 180 -14.41 -0.68 7.01
C PHE B 180 -14.49 -1.41 5.70
N ILE B 181 -13.33 -1.88 5.29
CA ILE B 181 -13.21 -3.01 4.38
C ILE B 181 -13.10 -4.21 5.28
N SER B 182 -14.06 -5.10 5.16
CA SER B 182 -14.12 -6.27 6.01
C SER B 182 -14.91 -7.38 5.32
N GLY B 183 -14.85 -8.56 5.93
CA GLY B 183 -15.59 -9.72 5.40
C GLY B 183 -16.97 -9.87 6.00
N SER B 184 -17.18 -9.10 7.05
CA SER B 184 -18.41 -9.19 7.88
C SER B 184 -18.54 -7.91 8.69
N ARG B 185 -19.67 -7.83 9.35
CA ARG B 185 -19.86 -6.74 10.33
C ARG B 185 -18.82 -6.87 11.40
N VAL B 186 -18.05 -5.81 11.60
CA VAL B 186 -17.01 -5.73 12.66
C VAL B 186 -17.33 -4.75 13.79
N SER B 187 -18.22 -3.83 13.51
CA SER B 187 -18.66 -2.81 14.47
C SER B 187 -20.15 -2.86 14.55
N MET B 188 -20.64 -2.64 15.77
CA MET B 188 -22.06 -2.64 16.05
C MET B 188 -22.68 -1.26 15.86
N LYS B 189 -21.84 -0.28 15.60
CA LYS B 189 -22.28 1.13 15.45
C LYS B 189 -22.80 1.39 14.04
N PRO B 190 -24.10 1.74 13.87
CA PRO B 190 -24.68 1.74 12.54
C PRO B 190 -24.26 2.87 11.65
N GLU B 191 -23.51 3.82 12.21
CA GLU B 191 -22.95 4.94 11.47
CA GLU B 191 -22.98 4.93 11.43
C GLU B 191 -21.83 4.48 10.56
N PHE B 192 -21.24 3.33 10.85
CA PHE B 192 -20.13 2.82 10.05
C PHE B 192 -20.66 1.93 8.91
N LEU B 193 -20.05 2.15 7.76
CA LEU B 193 -20.27 1.32 6.57
C LEU B 193 -19.35 0.10 6.60
N HIS B 194 -19.88 -1.02 6.13
CA HIS B 194 -19.10 -2.24 5.94
C HIS B 194 -19.11 -2.60 4.45
N LEU B 195 -17.94 -2.55 3.83
CA LEU B 195 -17.76 -2.91 2.42
C LEU B 195 -16.96 -4.18 2.34
N THR B 196 -17.45 -5.13 1.56
CA THR B 196 -16.86 -6.49 1.52
C THR B 196 -16.47 -6.86 0.09
N PRO B 197 -15.15 -6.97 -0.18
CA PRO B 197 -14.64 -7.56 -1.39
C PRO B 197 -14.49 -9.06 -1.22
N GLY B 198 -14.02 -9.72 -2.27
CA GLY B 198 -14.04 -11.18 -2.33
C GLY B 198 -15.44 -11.73 -2.50
N VAL B 199 -16.16 -11.19 -3.45
CA VAL B 199 -17.55 -11.57 -3.72
C VAL B 199 -17.72 -12.02 -5.17
N GLN B 200 -18.33 -13.17 -5.34
CA GLN B 200 -18.82 -13.63 -6.65
C GLN B 200 -20.04 -14.48 -6.43
N LEU B 201 -20.88 -14.57 -7.45
CA LEU B 201 -22.09 -15.41 -7.38
C LEU B 201 -21.75 -16.89 -7.22
N GLU B 202 -20.65 -17.29 -7.87
CA GLU B 202 -20.17 -18.69 -7.87
C GLU B 202 -19.08 -18.87 -6.84
N ALA B 203 -18.99 -20.10 -6.32
CA ALA B 203 -17.94 -20.49 -5.38
C ALA B 203 -16.65 -20.55 -6.13
N GLY B 204 -15.61 -20.16 -5.40
CA GLY B 204 -14.26 -20.30 -5.86
C GLY B 204 -13.29 -19.28 -5.33
N GLY B 205 -12.32 -19.07 -6.20
CA GLY B 205 -11.19 -18.18 -5.91
C GLY B 205 -10.41 -17.85 -7.15
N ASP B 206 -9.21 -17.35 -6.96
CA ASP B 206 -8.25 -17.23 -8.04
C ASP B 206 -6.99 -17.99 -7.69
N ASN B 207 -6.02 -17.84 -8.56
CA ASN B 207 -4.74 -18.54 -8.48
CA ASN B 207 -4.76 -18.56 -8.48
C ASN B 207 -3.71 -17.84 -7.65
N LEU B 208 -4.13 -16.74 -7.02
CA LEU B 208 -3.23 -15.84 -6.27
C LEU B 208 -3.85 -15.42 -4.97
N GLY B 209 -4.56 -16.37 -4.38
CA GLY B 209 -5.02 -16.26 -2.99
C GLY B 209 -6.37 -15.57 -2.76
N GLN B 210 -7.04 -15.07 -3.78
CA GLN B 210 -8.37 -14.51 -3.57
C GLN B 210 -9.36 -15.61 -3.29
N GLN B 211 -10.26 -15.31 -2.37
CA GLN B 211 -11.35 -16.19 -2.03
C GLN B 211 -12.66 -15.47 -2.21
N TYR B 212 -13.65 -16.18 -2.75
CA TYR B 212 -14.98 -15.62 -2.97
C TYR B 212 -16.05 -16.21 -2.09
N ASN B 213 -16.95 -15.32 -1.71
CA ASN B 213 -18.23 -15.66 -1.05
C ASN B 213 -19.36 -14.97 -1.79
N SER B 214 -20.57 -15.48 -1.61
CA SER B 214 -21.70 -14.93 -2.37
C SER B 214 -22.24 -13.67 -1.73
N PRO B 215 -22.95 -12.86 -2.51
CA PRO B 215 -23.64 -11.66 -1.98
C PRO B 215 -24.61 -12.07 -0.88
N GLN B 216 -25.34 -13.16 -1.07
CA GLN B 216 -26.28 -13.58 -0.06
C GLN B 216 -25.59 -13.88 1.26
N GLU B 217 -24.45 -14.55 1.17
CA GLU B 217 -23.68 -14.90 2.36
C GLU B 217 -23.15 -13.61 3.06
N VAL B 218 -22.55 -12.74 2.29
CA VAL B 218 -21.83 -11.56 2.79
CA VAL B 218 -21.83 -11.63 2.93
C VAL B 218 -22.76 -10.51 3.39
N ILE B 219 -23.85 -10.29 2.68
CA ILE B 219 -24.80 -9.22 3.07
C ILE B 219 -25.81 -9.80 4.07
N GLY B 220 -26.29 -11.00 3.76
N GLY B 220 -26.38 -10.94 3.68
CA GLY B 220 -27.45 -11.58 4.45
CA GLY B 220 -27.39 -11.58 4.50
C GLY B 220 -27.12 -12.23 5.77
C GLY B 220 -26.72 -11.92 5.80
N LYS B 221 -26.10 -13.06 5.74
N LYS B 221 -26.04 -13.07 5.77
CA LYS B 221 -25.55 -13.77 6.91
CA LYS B 221 -25.55 -13.77 6.94
C LYS B 221 -24.42 -13.09 7.69
N ARG B 222 -23.53 -12.39 7.00
CA ARG B 222 -22.34 -11.84 7.64
C ARG B 222 -22.54 -10.36 7.99
N GLY B 223 -23.69 -9.84 7.58
CA GLY B 223 -24.12 -8.49 7.95
C GLY B 223 -23.42 -7.28 7.35
N SER B 224 -22.69 -7.49 6.27
CA SER B 224 -22.09 -6.38 5.53
C SER B 224 -23.12 -5.51 4.82
N ASP B 225 -22.67 -4.34 4.38
CA ASP B 225 -23.54 -3.36 3.75
C ASP B 225 -23.47 -3.32 2.23
N ILE B 226 -22.25 -3.41 1.73
CA ILE B 226 -21.94 -3.20 0.32
C ILE B 226 -21.03 -4.31 -0.15
N ILE B 227 -21.31 -4.83 -1.32
CA ILE B 227 -20.38 -5.76 -1.96
C ILE B 227 -19.51 -5.04 -2.97
N ILE B 228 -18.23 -5.38 -2.94
CA ILE B 228 -17.27 -4.89 -3.94
C ILE B 228 -16.97 -6.05 -4.92
N VAL B 229 -17.28 -5.84 -6.19
CA VAL B 229 -17.15 -6.91 -7.18
C VAL B 229 -16.39 -6.36 -8.35
N GLY B 230 -15.28 -7.04 -8.67
CA GLY B 230 -14.43 -6.77 -9.83
C GLY B 230 -14.66 -7.79 -10.91
N ARG B 231 -13.85 -8.83 -10.90
CA ARG B 231 -13.88 -9.87 -11.93
C ARG B 231 -15.25 -10.50 -12.18
N GLY B 232 -16.07 -10.67 -11.13
CA GLY B 232 -17.38 -11.21 -11.38
C GLY B 232 -18.24 -10.48 -12.38
N ILE B 233 -17.98 -9.18 -12.47
CA ILE B 233 -18.63 -8.33 -13.45
C ILE B 233 -17.73 -8.10 -14.65
N ILE B 234 -16.49 -7.69 -14.42
CA ILE B 234 -15.61 -7.22 -15.49
C ILE B 234 -15.34 -8.32 -16.54
N SER B 235 -15.31 -9.56 -16.11
CA SER B 235 -14.99 -10.68 -17.01
CA SER B 235 -14.99 -10.70 -16.98
C SER B 235 -16.18 -11.15 -17.81
N ALA B 236 -17.37 -10.74 -17.42
CA ALA B 236 -18.56 -11.13 -18.16
C ALA B 236 -18.58 -10.59 -19.57
N ALA B 237 -19.24 -11.27 -20.49
CA ALA B 237 -19.43 -10.70 -21.80
C ALA B 237 -20.21 -9.41 -21.74
N ASP B 238 -21.31 -9.45 -21.03
CA ASP B 238 -22.19 -8.29 -20.82
C ASP B 238 -22.09 -7.82 -19.40
N ARG B 239 -21.27 -6.78 -19.24
CA ARG B 239 -21.00 -6.24 -17.90
C ARG B 239 -22.22 -5.61 -17.24
N LEU B 240 -23.12 -5.08 -18.05
CA LEU B 240 -24.32 -4.45 -17.51
C LEU B 240 -25.27 -5.46 -16.90
N GLU B 241 -25.53 -6.51 -17.66
CA GLU B 241 -26.34 -7.61 -17.14
C GLU B 241 -25.72 -8.23 -15.87
N ALA B 242 -24.40 -8.37 -15.88
CA ALA B 242 -23.71 -8.91 -14.72
C ALA B 242 -23.92 -8.01 -13.50
N ALA B 243 -23.73 -6.73 -13.70
CA ALA B 243 -23.90 -5.74 -12.63
C ALA B 243 -25.30 -5.82 -12.08
N GLU B 244 -26.30 -5.93 -12.94
CA GLU B 244 -27.69 -6.05 -12.49
C GLU B 244 -27.91 -7.27 -11.64
N MET B 245 -27.32 -8.39 -12.03
CA MET B 245 -27.44 -9.61 -11.23
CA MET B 245 -27.43 -9.61 -11.24
C MET B 245 -26.86 -9.45 -9.83
N TYR B 246 -25.70 -8.80 -9.76
CA TYR B 246 -25.05 -8.56 -8.48
C TYR B 246 -25.85 -7.56 -7.64
N ARG B 247 -26.37 -6.57 -8.31
CA ARG B 247 -27.18 -5.54 -7.60
C ARG B 247 -28.39 -6.17 -6.97
N LYS B 248 -29.07 -7.00 -7.74
CA LYS B 248 -30.30 -7.62 -7.22
C LYS B 248 -30.02 -8.57 -6.08
N ALA B 249 -28.91 -9.29 -6.22
CA ALA B 249 -28.53 -10.21 -5.15
C ALA B 249 -28.24 -9.50 -3.85
N ALA B 250 -27.41 -8.47 -3.96
CA ALA B 250 -27.00 -7.71 -2.74
C ALA B 250 -28.17 -6.93 -2.13
N TRP B 251 -29.02 -6.39 -2.99
CA TRP B 251 -30.12 -5.56 -2.51
C TRP B 251 -31.16 -6.42 -1.79
N GLU B 252 -31.54 -7.53 -2.41
CA GLU B 252 -32.53 -8.41 -1.82
C GLU B 252 -31.99 -9.06 -0.55
N ALA B 253 -30.68 -9.31 -0.48
CA ALA B 253 -30.09 -9.87 0.75
C ALA B 253 -30.22 -8.85 1.89
N TYR B 254 -29.97 -7.59 1.54
CA TYR B 254 -30.15 -6.49 2.47
C TYR B 254 -31.59 -6.37 2.96
N LEU B 255 -32.52 -6.41 2.04
CA LEU B 255 -33.93 -6.26 2.38
C LEU B 255 -34.37 -7.35 3.33
N SER B 256 -33.80 -8.53 3.13
CA SER B 256 -34.25 -9.72 3.86
CA SER B 256 -34.19 -9.75 3.87
C SER B 256 -33.79 -9.63 5.31
N ARG B 257 -32.62 -9.07 5.52
CA ARG B 257 -32.06 -8.99 6.86
CA ARG B 257 -32.04 -8.97 6.85
C ARG B 257 -32.77 -7.88 7.61
N LEU B 258 -33.34 -6.98 6.84
CA LEU B 258 -33.98 -5.78 7.35
C LEU B 258 -35.26 -6.23 7.96
N GLY B 259 -35.70 -7.36 7.42
CA GLY B 259 -36.99 -7.94 7.75
C GLY B 259 -38.11 -7.39 6.89
C1 GOL C . 22.78 0.23 -10.61
O1 GOL C . 23.37 -0.29 -9.45
C2 GOL C . 21.69 -0.69 -11.07
O2 GOL C . 21.05 -1.51 -10.16
C3 GOL C . 20.71 -0.02 -11.99
O3 GOL C . 21.08 -0.70 -13.16
O1P U1P D . 13.76 9.28 7.69
P U1P D . 12.29 9.62 7.37
O2P U1P D . 11.39 9.41 8.54
O3P U1P D . 12.21 10.92 6.68
N1 U1P D . 9.30 3.78 6.18
C2 U1P D . 9.26 4.12 7.56
O2 U1P D . 9.64 5.29 7.85
N3 U1P D . 8.88 3.23 8.47
C4 U1P D . 8.50 1.99 8.13
O4 U1P D . 8.19 1.22 9.06
C6 U1P D . 8.93 2.49 5.82
C5 U1P D . 8.49 1.61 6.79
O5' U1P D . 11.80 8.57 6.21
C5' U1P D . 11.56 7.21 6.52
C4' U1P D . 11.13 6.60 5.20
C3' U1P D . 9.79 7.06 4.69
O3' U1P D . 9.96 6.94 3.21
C2' U1P D . 8.78 6.05 5.20
O2' U1P D . 7.74 6.05 4.22
O4' U1P D . 10.94 5.20 5.36
C1' U1P D . 9.63 4.77 5.20
C7 U1P D . 9.07 2.04 4.50
N8 U1P D . 10.32 1.95 4.05
O1P U1P E . -13.72 -9.08 -7.34
P U1P E . -12.22 -9.05 -7.55
O2P U1P E . -11.49 -10.15 -6.81
O3P U1P E . -11.86 -8.95 -8.97
N1 U1P E . -9.68 -5.99 -2.21
C2 U1P E . -9.80 -7.37 -2.00
O2 U1P E . -10.09 -8.05 -3.01
N3 U1P E . -9.71 -7.96 -0.80
C4 U1P E . -9.40 -7.21 0.27
O4 U1P E . -9.34 -7.79 1.35
C6 U1P E . -9.38 -5.23 -1.09
C5 U1P E . -9.27 -5.85 0.15
O5' U1P E . -11.71 -7.61 -6.96
C5' U1P E . -11.79 -7.31 -5.55
C4' U1P E . -10.98 -6.02 -5.43
C3' U1P E . -9.56 -6.39 -5.71
O3' U1P E . -9.06 -5.84 -6.93
C2' U1P E . -8.72 -6.01 -4.51
O2' U1P E . -7.69 -5.11 -4.88
O4' U1P E . -11.05 -5.58 -4.07
C1' U1P E . -9.72 -5.37 -3.54
C7 U1P E . -9.34 -3.83 -1.19
N8 U1P E . -10.49 -3.21 -1.52
#